data_1G0C
#
_entry.id   1G0C
#
_cell.length_a   97.9
_cell.length_b   97.9
_cell.length_c   121.6
_cell.angle_alpha   90
_cell.angle_beta   90
_cell.angle_gamma   120
#
_symmetry.space_group_name_H-M   'P 32 2 1'
#
loop_
_entity.id
_entity.type
_entity.pdbx_description
1 polymer ENDOGLUCANASE
2 branched beta-D-glucopyranose-(1-4)-beta-D-glucopyranose
3 non-polymer 'CADMIUM ION'
4 non-polymer 'ACETIC ACID'
5 water water
#
_entity_poly.entity_id   1
_entity_poly.type   'polypeptide(L)'
_entity_poly.pdbx_seq_one_letter_code
;GRPAGMQAVKSPSEAGALQLVELNGQLTLAGEDGTPVQLRGMSTHGLQWFGEIVNENAFVALSNDWGSNMIRLAMYIGEN
GYATNPEVKDLVYEGIELAFEHDMYVIVDWHVHAPGDPRADVYSGAYDFFEEIADHYKDHPKNHYIIWELANEPSPNNNG
GPGLTNDEKGWEAVKEYAEPIVEMLREKGDNMILVGNPNWSQRPDLSADNPIDAENIMYSVHFYTGSHGASHIGYPEGTP
SSERSNVMANVRYALDNGVAVFATEWGTSQANGDGGPYFDEADVWLNFLNKHNISWANWSLTNKNEISGAFTPFELGRTD
ATDLDPGANQVWAPEELSLSGEYVRARIKGIEYTPIDRTKFTKL
;
_entity_poly.pdbx_strand_id   A
#
loop_
_chem_comp.id
_chem_comp.type
_chem_comp.name
_chem_comp.formula
ACY non-polymer 'ACETIC ACID' 'C2 H4 O2'
BGC D-saccharide, beta linking beta-D-glucopyranose 'C6 H12 O6'
CD non-polymer 'CADMIUM ION' 'Cd 2'
#
# COMPACT_ATOMS: atom_id res chain seq x y z
N PRO A 3 4.23 -17.48 12.81
CA PRO A 3 3.42 -18.41 13.58
C PRO A 3 2.74 -19.33 12.58
N ALA A 4 1.63 -20.01 12.89
CA ALA A 4 1.08 -20.98 11.92
C ALA A 4 0.20 -20.21 10.94
N GLY A 5 0.16 -20.70 9.69
CA GLY A 5 -0.68 -20.08 8.67
C GLY A 5 0.02 -18.91 8.02
N MET A 6 1.34 -18.88 8.19
CA MET A 6 2.13 -17.78 7.67
C MET A 6 2.94 -18.27 6.48
N GLN A 7 2.76 -19.51 5.99
CA GLN A 7 3.55 -20.07 4.90
C GLN A 7 3.64 -19.22 3.61
N ALA A 8 2.58 -18.45 3.28
CA ALA A 8 2.59 -17.64 2.08
C ALA A 8 3.34 -16.33 2.24
N VAL A 9 3.55 -15.91 3.48
CA VAL A 9 4.16 -14.61 3.73
C VAL A 9 5.68 -14.78 3.73
N LYS A 10 6.17 -15.00 2.50
CA LYS A 10 7.57 -15.27 2.27
C LYS A 10 8.37 -14.01 2.01
N SER A 11 9.62 -14.05 2.42
CA SER A 11 10.56 -12.95 2.21
C SER A 11 10.97 -12.95 0.74
N PRO A 12 11.41 -11.85 0.12
CA PRO A 12 11.96 -11.85 -1.23
C PRO A 12 13.16 -12.75 -1.48
N SER A 13 14.00 -13.04 -0.49
CA SER A 13 15.13 -13.91 -0.68
C SER A 13 14.64 -15.32 -0.98
N GLU A 14 13.49 -15.69 -0.45
CA GLU A 14 12.92 -16.99 -0.66
C GLU A 14 12.00 -16.94 -1.87
N ALA A 15 11.05 -16.02 -1.93
CA ALA A 15 10.08 -15.99 -3.00
C ALA A 15 10.65 -15.66 -4.40
N GLY A 16 11.65 -14.77 -4.53
CA GLY A 16 12.24 -14.43 -5.82
C GLY A 16 11.34 -13.49 -6.62
N ALA A 17 11.39 -13.48 -7.96
CA ALA A 17 10.58 -12.59 -8.78
C ALA A 17 9.09 -12.91 -8.70
N LEU A 18 8.31 -11.86 -8.47
CA LEU A 18 6.87 -12.01 -8.30
C LEU A 18 6.19 -12.17 -9.65
N GLN A 19 5.03 -12.82 -9.70
CA GLN A 19 4.30 -13.00 -10.95
C GLN A 19 2.83 -13.20 -10.61
N LEU A 20 1.92 -13.26 -11.56
CA LEU A 20 0.51 -13.51 -11.29
C LEU A 20 0.21 -14.88 -11.86
N VAL A 21 -0.47 -15.79 -11.17
CA VAL A 21 -0.79 -17.12 -11.68
C VAL A 21 -2.30 -17.27 -11.51
N GLU A 22 -2.96 -18.10 -12.30
CA GLU A 22 -4.38 -18.37 -12.11
C GLU A 22 -4.53 -19.41 -11.02
N LEU A 23 -5.34 -19.15 -10.00
CA LEU A 23 -5.58 -20.10 -8.94
C LEU A 23 -7.06 -19.95 -8.76
N ASN A 24 -7.81 -21.06 -8.78
CA ASN A 24 -9.27 -21.09 -8.61
C ASN A 24 -10.07 -20.17 -9.55
N GLY A 25 -9.51 -20.09 -10.77
CA GLY A 25 -10.03 -19.21 -11.82
C GLY A 25 -9.87 -17.71 -11.56
N GLN A 26 -8.93 -17.28 -10.71
CA GLN A 26 -8.70 -15.88 -10.38
C GLN A 26 -7.20 -15.65 -10.44
N LEU A 27 -6.72 -14.44 -10.73
CA LEU A 27 -5.30 -14.16 -10.82
C LEU A 27 -4.80 -13.79 -9.45
N THR A 28 -3.73 -14.42 -8.99
CA THR A 28 -3.20 -14.14 -7.66
C THR A 28 -1.68 -13.96 -7.68
N LEU A 29 -1.16 -13.14 -6.75
CA LEU A 29 0.29 -12.97 -6.61
C LEU A 29 1.02 -14.28 -6.22
N ALA A 30 2.14 -14.57 -6.88
CA ALA A 30 2.90 -15.76 -6.62
C ALA A 30 4.38 -15.43 -6.74
N GLY A 31 5.18 -16.26 -6.09
CA GLY A 31 6.61 -16.12 -6.23
C GLY A 31 7.00 -16.85 -7.51
N GLU A 32 8.32 -16.87 -7.64
CA GLU A 32 9.01 -17.38 -8.82
C GLU A 32 8.59 -18.80 -9.18
N ASP A 33 8.32 -19.63 -8.18
CA ASP A 33 7.97 -21.02 -8.41
C ASP A 33 6.48 -21.25 -8.62
N GLY A 34 5.71 -20.17 -8.70
CA GLY A 34 4.29 -20.32 -8.95
C GLY A 34 3.42 -20.50 -7.70
N THR A 35 3.95 -20.65 -6.49
CA THR A 35 3.05 -20.80 -5.33
C THR A 35 2.66 -19.43 -4.83
N PRO A 36 1.43 -19.24 -4.33
CA PRO A 36 0.97 -17.96 -3.81
C PRO A 36 1.86 -17.37 -2.74
N VAL A 37 2.02 -16.05 -2.89
CA VAL A 37 2.83 -15.24 -1.99
C VAL A 37 1.94 -14.10 -1.52
N GLN A 38 1.98 -13.74 -0.24
CA GLN A 38 1.21 -12.63 0.25
C GLN A 38 2.21 -11.75 0.97
N LEU A 39 2.08 -10.44 0.73
CA LEU A 39 2.92 -9.46 1.39
C LEU A 39 2.08 -8.68 2.39
N ARG A 40 2.69 -8.44 3.53
CA ARG A 40 2.11 -7.72 4.63
C ARG A 40 3.21 -6.79 5.11
N GLY A 41 2.83 -5.55 5.36
CA GLY A 41 3.79 -4.57 5.83
C GLY A 41 3.14 -3.23 6.07
N MET A 42 4.00 -2.23 6.23
CA MET A 42 3.58 -0.87 6.55
C MET A 42 3.91 0.17 5.47
N SER A 43 3.10 1.23 5.46
CA SER A 43 3.32 2.37 4.60
C SER A 43 3.94 3.47 5.44
N THR A 44 4.88 4.21 4.86
CA THR A 44 5.38 5.39 5.53
C THR A 44 4.24 6.41 5.48
N HIS A 45 4.28 7.49 6.26
CA HIS A 45 3.36 8.59 6.00
C HIS A 45 4.08 9.36 4.85
N GLY A 46 3.80 10.62 4.51
CA GLY A 46 4.49 11.27 3.41
C GLY A 46 5.94 11.47 3.82
N LEU A 47 6.84 11.11 2.91
CA LEU A 47 8.25 11.20 3.19
C LEU A 47 8.67 12.65 3.45
N GLN A 48 7.89 13.65 3.08
CA GLN A 48 8.28 15.04 3.30
C GLN A 48 7.95 15.54 4.71
N TRP A 49 7.18 14.75 5.46
CA TRP A 49 6.73 15.11 6.80
C TRP A 49 7.27 14.14 7.85
N PHE A 50 7.41 12.86 7.49
CA PHE A 50 7.79 11.81 8.42
C PHE A 50 8.81 10.82 7.85
N GLY A 51 9.74 11.41 7.10
CA GLY A 51 10.80 10.67 6.42
C GLY A 51 11.85 10.05 7.34
N GLU A 52 11.88 10.45 8.61
CA GLU A 52 12.84 9.93 9.57
C GLU A 52 12.66 8.47 9.91
N ILE A 53 11.51 7.92 9.50
CA ILE A 53 11.26 6.48 9.61
C ILE A 53 12.22 5.70 8.70
N VAL A 54 12.78 6.31 7.65
CA VAL A 54 13.68 5.58 6.78
C VAL A 54 15.03 5.63 7.45
N ASN A 55 15.24 4.63 8.30
CA ASN A 55 16.48 4.47 9.01
C ASN A 55 16.70 2.99 9.25
N GLU A 56 17.97 2.67 9.43
CA GLU A 56 18.43 1.31 9.58
C GLU A 56 17.72 0.47 10.63
N ASN A 57 17.64 0.97 11.87
CA ASN A 57 17.03 0.25 12.97
C ASN A 57 15.55 0.08 12.79
N ALA A 58 14.84 1.10 12.29
CA ALA A 58 13.43 0.97 12.01
C ALA A 58 13.17 -0.10 10.94
N PHE A 59 13.92 -0.16 9.84
CA PHE A 59 13.67 -1.17 8.81
C PHE A 59 14.02 -2.57 9.31
N VAL A 60 15.07 -2.70 10.13
CA VAL A 60 15.38 -4.00 10.74
C VAL A 60 14.18 -4.36 11.64
N ALA A 61 13.69 -3.45 12.50
CA ALA A 61 12.56 -3.72 13.37
C ALA A 61 11.32 -4.16 12.62
N LEU A 62 11.00 -3.48 11.51
CA LEU A 62 9.80 -3.78 10.75
C LEU A 62 9.91 -5.11 10.02
N SER A 63 11.11 -5.50 9.57
CA SER A 63 11.32 -6.77 8.91
C SER A 63 11.38 -7.96 9.89
N ASN A 64 12.14 -7.84 10.97
CA ASN A 64 12.34 -8.93 11.92
C ASN A 64 11.32 -8.88 13.05
N ASP A 65 11.32 -7.87 13.93
CA ASP A 65 10.39 -7.86 15.03
C ASP A 65 8.93 -7.81 14.59
N TRP A 66 8.54 -7.02 13.59
CA TRP A 66 7.16 -6.99 13.17
C TRP A 66 6.87 -8.07 12.14
N GLY A 67 7.86 -8.73 11.53
CA GLY A 67 7.63 -9.79 10.58
C GLY A 67 7.25 -9.32 9.17
N SER A 68 7.39 -8.03 8.82
CA SER A 68 6.98 -7.56 7.51
C SER A 68 7.88 -8.10 6.40
N ASN A 69 7.33 -8.55 5.27
CA ASN A 69 8.14 -8.97 4.13
C ASN A 69 8.01 -7.93 3.01
N MET A 70 7.46 -6.74 3.34
CA MET A 70 7.25 -5.63 2.39
C MET A 70 7.16 -4.30 3.13
N ILE A 71 7.55 -3.19 2.49
CA ILE A 71 7.35 -1.86 3.03
C ILE A 71 6.97 -0.95 1.84
N ARG A 72 6.17 0.08 2.09
CA ARG A 72 5.73 0.99 1.07
C ARG A 72 6.25 2.39 1.37
N LEU A 73 6.83 3.01 0.34
CA LEU A 73 7.40 4.33 0.47
C LEU A 73 6.46 5.33 -0.19
N ALA A 74 5.74 6.10 0.62
CA ALA A 74 4.77 7.06 0.13
C ALA A 74 5.40 8.42 -0.21
N MET A 75 5.75 8.62 -1.47
CA MET A 75 6.32 9.90 -1.87
C MET A 75 5.25 10.79 -2.48
N TYR A 76 4.70 11.68 -1.64
CA TYR A 76 3.77 12.72 -2.09
C TYR A 76 4.49 13.63 -3.10
N ILE A 77 3.72 14.23 -3.99
CA ILE A 77 4.31 15.09 -5.00
C ILE A 77 3.81 16.50 -4.73
N GLY A 78 2.49 16.69 -4.61
CA GLY A 78 1.95 17.96 -4.18
C GLY A 78 2.08 18.01 -2.64
N GLU A 79 1.34 18.85 -1.92
CA GLU A 79 1.42 18.96 -0.46
C GLU A 79 2.85 19.00 0.09
N ASN A 80 3.64 19.81 -0.61
CA ASN A 80 5.05 20.04 -0.33
C ASN A 80 5.96 18.84 -0.51
N GLY A 81 5.51 17.88 -1.30
CA GLY A 81 6.35 16.75 -1.63
C GLY A 81 7.25 17.04 -2.82
N TYR A 82 7.44 16.01 -3.62
CA TYR A 82 8.39 16.01 -4.70
C TYR A 82 8.32 17.17 -5.69
N ALA A 83 7.15 17.71 -5.98
CA ALA A 83 7.08 18.80 -6.94
C ALA A 83 7.82 20.04 -6.41
N THR A 84 7.73 20.36 -5.13
CA THR A 84 8.40 21.53 -4.60
C THR A 84 9.69 21.14 -3.85
N ASN A 85 9.77 20.04 -3.12
CA ASN A 85 11.05 19.65 -2.58
C ASN A 85 11.44 18.33 -3.22
N PRO A 86 12.26 18.40 -4.28
CA PRO A 86 12.77 17.23 -4.99
C PRO A 86 13.56 16.32 -4.07
N GLU A 87 14.13 16.84 -2.96
CA GLU A 87 15.01 16.04 -2.12
C GLU A 87 14.31 14.89 -1.43
N VAL A 88 12.98 14.91 -1.45
CA VAL A 88 12.24 13.80 -0.86
C VAL A 88 12.60 12.50 -1.60
N LYS A 89 12.95 12.58 -2.90
CA LYS A 89 13.34 11.41 -3.67
C LYS A 89 14.53 10.67 -3.07
N ASP A 90 15.42 11.37 -2.35
CA ASP A 90 16.58 10.76 -1.71
C ASP A 90 16.15 9.69 -0.72
N LEU A 91 14.97 9.91 -0.12
CA LEU A 91 14.43 8.96 0.84
C LEU A 91 13.90 7.70 0.18
N VAL A 92 13.38 7.83 -1.03
CA VAL A 92 12.93 6.66 -1.81
C VAL A 92 14.13 5.74 -2.07
N TYR A 93 15.23 6.33 -2.52
CA TYR A 93 16.45 5.57 -2.75
C TYR A 93 16.95 4.90 -1.48
N GLU A 94 17.05 5.68 -0.39
CA GLU A 94 17.58 5.13 0.85
C GLU A 94 16.72 4.00 1.37
N GLY A 95 15.41 4.19 1.25
CA GLY A 95 14.42 3.21 1.60
C GLY A 95 14.55 1.95 0.76
N ILE A 96 14.75 2.05 -0.57
CA ILE A 96 14.92 0.85 -1.38
C ILE A 96 16.18 0.14 -0.89
N GLU A 97 17.29 0.85 -0.70
CA GLU A 97 18.54 0.25 -0.25
C GLU A 97 18.39 -0.53 1.05
N LEU A 98 17.67 0.02 2.03
CA LEU A 98 17.44 -0.67 3.28
C LEU A 98 16.50 -1.88 3.15
N ALA A 99 15.52 -1.82 2.23
CA ALA A 99 14.57 -2.92 2.03
C ALA A 99 15.31 -4.09 1.41
N PHE A 100 16.18 -3.78 0.46
CA PHE A 100 17.08 -4.73 -0.19
C PHE A 100 17.92 -5.55 0.79
N GLU A 101 18.47 -4.72 1.67
CA GLU A 101 19.39 -5.16 2.70
C GLU A 101 18.63 -5.96 3.72
N HIS A 102 17.44 -5.54 4.13
CA HIS A 102 16.76 -6.27 5.18
C HIS A 102 15.65 -7.17 4.70
N ASP A 103 15.72 -7.50 3.42
CA ASP A 103 14.90 -8.52 2.84
C ASP A 103 13.38 -8.26 2.90
N MET A 104 12.99 -7.12 2.33
CA MET A 104 11.59 -6.77 2.17
C MET A 104 11.38 -6.31 0.74
N TYR A 105 10.23 -6.68 0.18
CA TYR A 105 9.83 -6.10 -1.09
C TYR A 105 9.55 -4.62 -0.81
N VAL A 106 9.71 -3.73 -1.78
CA VAL A 106 9.54 -2.32 -1.53
C VAL A 106 8.64 -1.71 -2.58
N ILE A 107 7.52 -1.13 -2.16
CA ILE A 107 6.61 -0.46 -3.06
C ILE A 107 7.05 0.99 -3.19
N VAL A 108 7.44 1.42 -4.39
CA VAL A 108 7.80 2.80 -4.63
C VAL A 108 6.47 3.42 -5.03
N ASP A 109 5.92 4.26 -4.18
CA ASP A 109 4.63 4.85 -4.49
C ASP A 109 4.67 6.33 -4.85
N TRP A 110 4.24 6.62 -6.07
CA TRP A 110 4.05 7.98 -6.56
C TRP A 110 2.70 8.27 -5.92
N HIS A 111 2.75 8.95 -4.78
CA HIS A 111 1.57 9.15 -3.98
C HIS A 111 0.60 10.24 -4.40
N VAL A 112 -0.06 10.05 -5.57
CA VAL A 112 -1.12 10.92 -6.07
C VAL A 112 -2.17 11.00 -4.97
N HIS A 113 -2.63 12.23 -4.75
CA HIS A 113 -3.52 12.50 -3.66
C HIS A 113 -4.24 13.84 -3.84
N ALA A 114 -3.56 14.97 -3.65
CA ALA A 114 -4.19 16.26 -3.82
C ALA A 114 -3.39 16.92 -4.92
N PRO A 115 -3.88 17.10 -6.16
CA PRO A 115 -5.22 16.73 -6.60
C PRO A 115 -5.41 15.26 -6.96
N GLY A 116 -6.61 14.81 -7.26
CA GLY A 116 -6.92 13.42 -7.45
C GLY A 116 -6.80 12.96 -8.89
N ASP A 117 -6.64 13.84 -9.88
CA ASP A 117 -6.42 13.41 -11.25
C ASP A 117 -4.91 13.20 -11.47
N PRO A 118 -4.40 11.99 -11.78
CA PRO A 118 -2.97 11.74 -11.96
C PRO A 118 -2.30 12.44 -13.17
N ARG A 119 -3.15 12.92 -14.08
CA ARG A 119 -2.69 13.63 -15.24
C ARG A 119 -2.49 15.11 -14.91
N ALA A 120 -2.81 15.62 -13.71
CA ALA A 120 -2.63 17.04 -13.38
C ALA A 120 -1.19 17.50 -13.56
N ASP A 121 -1.02 18.78 -13.90
CA ASP A 121 0.27 19.38 -14.16
C ASP A 121 1.29 19.17 -13.07
N VAL A 122 0.86 19.26 -11.82
CA VAL A 122 1.80 19.07 -10.72
C VAL A 122 2.47 17.67 -10.75
N TYR A 123 1.81 16.67 -11.34
CA TYR A 123 2.36 15.32 -11.42
C TYR A 123 3.12 15.08 -12.72
N SER A 124 3.53 16.11 -13.44
CA SER A 124 4.18 15.92 -14.73
C SER A 124 5.51 15.19 -14.67
N GLY A 125 6.14 15.11 -13.52
CA GLY A 125 7.40 14.41 -13.37
C GLY A 125 7.21 12.89 -13.24
N ALA A 126 6.00 12.33 -13.28
CA ALA A 126 5.81 10.91 -13.02
C ALA A 126 6.59 9.94 -13.88
N TYR A 127 6.53 10.15 -15.20
CA TYR A 127 7.18 9.28 -16.15
C TYR A 127 8.67 9.32 -15.92
N ASP A 128 9.26 10.51 -15.82
CA ASP A 128 10.68 10.62 -15.61
C ASP A 128 11.12 10.05 -14.29
N PHE A 129 10.32 10.25 -13.23
CA PHE A 129 10.59 9.67 -11.93
C PHE A 129 10.75 8.17 -12.02
N PHE A 130 9.71 7.49 -12.52
CA PHE A 130 9.76 6.04 -12.64
C PHE A 130 10.86 5.54 -13.55
N GLU A 131 11.14 6.31 -14.60
CA GLU A 131 12.18 5.97 -15.54
C GLU A 131 13.56 6.01 -14.89
N GLU A 132 13.76 7.04 -14.08
CA GLU A 132 14.99 7.29 -13.35
C GLU A 132 15.27 6.14 -12.35
N ILE A 133 14.28 5.84 -11.49
CA ILE A 133 14.46 4.82 -10.46
C ILE A 133 14.65 3.47 -11.15
N ALA A 134 13.78 3.12 -12.12
CA ALA A 134 13.90 1.84 -12.80
C ALA A 134 15.24 1.71 -13.52
N ASP A 135 15.76 2.77 -14.13
CA ASP A 135 17.08 2.71 -14.73
C ASP A 135 18.17 2.46 -13.72
N HIS A 136 18.09 3.12 -12.56
CA HIS A 136 19.10 2.94 -11.55
C HIS A 136 19.21 1.47 -11.16
N TYR A 137 18.06 0.85 -10.89
CA TYR A 137 18.05 -0.53 -10.41
C TYR A 137 17.91 -1.64 -11.43
N LYS A 138 17.72 -1.40 -12.73
CA LYS A 138 17.46 -2.53 -13.63
C LYS A 138 18.50 -3.64 -13.64
N ASP A 139 19.80 -3.43 -13.49
CA ASP A 139 20.70 -4.56 -13.48
C ASP A 139 21.08 -4.99 -12.06
N HIS A 140 20.49 -4.44 -10.99
CA HIS A 140 20.83 -4.85 -9.63
C HIS A 140 20.35 -6.30 -9.38
N PRO A 141 21.04 -7.23 -8.67
CA PRO A 141 20.54 -8.57 -8.38
C PRO A 141 19.26 -8.56 -7.57
N LYS A 142 19.04 -7.54 -6.75
CA LYS A 142 17.79 -7.41 -6.02
C LYS A 142 16.76 -6.53 -6.72
N ASN A 143 16.82 -6.33 -8.03
CA ASN A 143 15.86 -5.43 -8.68
C ASN A 143 14.44 -5.94 -8.52
N HIS A 144 14.26 -7.25 -8.56
CA HIS A 144 12.93 -7.86 -8.41
C HIS A 144 12.26 -7.61 -7.05
N TYR A 145 12.95 -6.98 -6.10
CA TYR A 145 12.34 -6.62 -4.82
C TYR A 145 11.40 -5.43 -5.02
N ILE A 146 11.61 -4.62 -6.06
CA ILE A 146 10.88 -3.38 -6.24
C ILE A 146 9.50 -3.64 -6.82
N ILE A 147 8.50 -2.91 -6.33
CA ILE A 147 7.14 -2.95 -6.85
C ILE A 147 6.82 -1.50 -7.17
N TRP A 148 6.29 -1.18 -8.34
CA TRP A 148 6.01 0.19 -8.73
C TRP A 148 4.56 0.52 -8.45
N GLU A 149 4.17 1.60 -7.79
CA GLU A 149 2.77 1.94 -7.63
C GLU A 149 2.65 3.33 -8.22
N LEU A 150 1.96 3.36 -9.36
CA LEU A 150 1.93 4.56 -10.19
C LEU A 150 1.05 5.72 -9.78
N ALA A 151 -0.01 5.55 -9.01
CA ALA A 151 -0.85 6.65 -8.61
C ALA A 151 -1.67 6.20 -7.40
N ASN A 152 -1.18 6.49 -6.19
CA ASN A 152 -1.85 6.17 -4.93
C ASN A 152 -3.37 6.24 -4.93
N GLU A 153 -3.99 7.40 -5.02
CA GLU A 153 -5.44 7.50 -4.98
C GLU A 153 -6.00 8.47 -6.01
N PRO A 154 -6.30 8.07 -7.25
CA PRO A 154 -7.16 8.80 -8.16
C PRO A 154 -8.45 9.12 -7.40
N SER A 155 -8.95 10.33 -7.45
CA SER A 155 -10.10 10.71 -6.66
C SER A 155 -10.67 12.03 -7.20
N PRO A 156 -11.78 12.56 -6.69
CA PRO A 156 -12.30 13.90 -7.01
C PRO A 156 -11.56 15.04 -6.35
N ASN A 157 -10.53 14.77 -5.55
CA ASN A 157 -9.81 15.82 -4.84
C ASN A 157 -9.31 16.87 -5.83
N ASN A 158 -9.66 18.12 -5.59
CA ASN A 158 -9.27 19.17 -6.52
C ASN A 158 -8.34 20.21 -5.88
N ASN A 159 -7.63 19.78 -4.84
CA ASN A 159 -6.70 20.64 -4.11
C ASN A 159 -5.40 20.67 -4.88
N GLY A 160 -5.23 21.69 -5.72
CA GLY A 160 -4.00 21.82 -6.47
C GLY A 160 -4.10 21.40 -7.93
N GLY A 161 -5.30 21.20 -8.44
CA GLY A 161 -5.51 20.81 -9.82
C GLY A 161 -6.79 20.00 -9.95
N PRO A 162 -7.10 19.36 -11.08
CA PRO A 162 -8.35 18.63 -11.31
C PRO A 162 -8.50 17.35 -10.49
N GLY A 163 -9.74 16.98 -10.21
CA GLY A 163 -10.04 15.68 -9.67
C GLY A 163 -10.71 14.85 -10.78
N LEU A 164 -11.04 13.61 -10.46
CA LEU A 164 -11.65 12.64 -11.36
C LEU A 164 -13.02 12.19 -10.91
N THR A 165 -13.85 11.69 -11.83
CA THR A 165 -15.17 11.21 -11.48
C THR A 165 -15.13 9.75 -11.08
N ASN A 166 -16.14 9.29 -10.35
CA ASN A 166 -16.22 7.91 -9.89
C ASN A 166 -16.95 7.02 -10.93
N ASP A 167 -16.35 6.72 -12.07
CA ASP A 167 -17.04 6.02 -13.15
C ASP A 167 -16.05 5.63 -14.23
N GLU A 168 -16.55 5.18 -15.38
CA GLU A 168 -15.71 4.78 -16.48
C GLU A 168 -14.80 5.88 -16.98
N LYS A 169 -15.31 7.12 -17.11
CA LYS A 169 -14.48 8.26 -17.48
C LYS A 169 -13.31 8.38 -16.52
N GLY A 170 -13.55 8.27 -15.21
CA GLY A 170 -12.51 8.36 -14.21
C GLY A 170 -11.51 7.23 -14.42
N TRP A 171 -11.95 5.99 -14.59
CA TRP A 171 -11.00 4.91 -14.82
C TRP A 171 -10.21 5.13 -16.10
N GLU A 172 -10.84 5.56 -17.19
CA GLU A 172 -10.15 5.77 -18.45
C GLU A 172 -9.09 6.87 -18.31
N ALA A 173 -9.27 7.84 -17.40
CA ALA A 173 -8.30 8.90 -17.15
C ALA A 173 -7.04 8.32 -16.53
N VAL A 174 -7.22 7.42 -15.56
CA VAL A 174 -6.12 6.72 -14.90
C VAL A 174 -5.44 5.84 -15.93
N LYS A 175 -6.20 5.06 -16.72
CA LYS A 175 -5.65 4.19 -17.73
C LYS A 175 -4.78 4.96 -18.73
N GLU A 176 -5.31 6.12 -19.10
CA GLU A 176 -4.64 7.01 -20.02
C GLU A 176 -3.31 7.47 -19.44
N TYR A 177 -3.32 7.81 -18.16
CA TYR A 177 -2.11 8.21 -17.46
C TYR A 177 -1.08 7.06 -17.40
N ALA A 178 -1.55 5.87 -17.02
CA ALA A 178 -0.66 4.79 -16.75
C ALA A 178 -0.12 4.04 -17.95
N GLU A 179 -0.86 3.89 -19.06
CA GLU A 179 -0.32 3.07 -20.16
C GLU A 179 1.07 3.46 -20.66
N PRO A 180 1.46 4.75 -20.87
CA PRO A 180 2.83 5.12 -21.21
C PRO A 180 3.91 4.64 -20.24
N ILE A 181 3.63 4.86 -18.94
CA ILE A 181 4.58 4.57 -17.87
C ILE A 181 4.68 3.05 -17.76
N VAL A 182 3.59 2.29 -17.90
CA VAL A 182 3.62 0.82 -17.85
C VAL A 182 4.55 0.30 -18.95
N GLU A 183 4.32 0.80 -20.15
CA GLU A 183 5.07 0.39 -21.30
C GLU A 183 6.57 0.63 -21.12
N MET A 184 6.97 1.83 -20.68
CA MET A 184 8.37 2.11 -20.41
C MET A 184 8.90 1.21 -19.29
N LEU A 185 8.15 1.01 -18.20
CA LEU A 185 8.63 0.16 -17.12
C LEU A 185 8.74 -1.29 -17.57
N ARG A 186 7.88 -1.71 -18.51
CA ARG A 186 7.98 -3.09 -18.99
C ARG A 186 9.19 -3.15 -19.91
N GLU A 187 9.63 -2.05 -20.53
CA GLU A 187 10.87 -2.09 -21.31
C GLU A 187 12.09 -2.33 -20.41
N LYS A 188 12.01 -1.92 -19.14
CA LYS A 188 13.13 -2.06 -18.22
C LYS A 188 13.05 -3.34 -17.39
N GLY A 189 11.87 -3.93 -17.18
CA GLY A 189 11.80 -5.14 -16.41
C GLY A 189 10.38 -5.66 -16.31
N ASP A 190 10.25 -6.65 -15.43
CA ASP A 190 8.99 -7.37 -15.25
C ASP A 190 8.34 -7.14 -13.92
N ASN A 191 8.88 -6.18 -13.19
CA ASN A 191 8.47 -5.89 -11.83
C ASN A 191 6.96 -5.63 -11.74
N MET A 192 6.27 -6.05 -10.68
CA MET A 192 4.84 -5.80 -10.52
C MET A 192 4.55 -4.30 -10.54
N ILE A 193 3.44 -3.92 -11.19
CA ILE A 193 3.00 -2.53 -11.24
C ILE A 193 1.59 -2.52 -10.66
N LEU A 194 1.40 -1.70 -9.67
CA LEU A 194 0.12 -1.60 -9.00
C LEU A 194 -0.49 -0.29 -9.45
N VAL A 195 -1.71 -0.35 -9.96
CA VAL A 195 -2.44 0.80 -10.50
C VAL A 195 -3.74 1.05 -9.73
N GLY A 196 -3.77 2.26 -9.20
CA GLY A 196 -4.91 2.78 -8.48
C GLY A 196 -6.08 3.04 -9.41
N ASN A 197 -7.18 3.54 -8.90
CA ASN A 197 -8.40 3.66 -9.67
C ASN A 197 -9.37 4.62 -8.98
N PRO A 198 -10.56 4.99 -9.52
CA PRO A 198 -11.39 6.05 -8.97
C PRO A 198 -11.82 5.91 -7.52
N ASN A 199 -12.23 7.07 -7.03
CA ASN A 199 -12.78 7.21 -5.69
C ASN A 199 -11.82 6.73 -4.61
N TRP A 200 -10.56 7.20 -4.67
CA TRP A 200 -9.53 6.86 -3.68
C TRP A 200 -9.19 5.38 -3.68
N SER A 201 -9.03 4.91 -4.93
CA SER A 201 -8.75 3.52 -5.22
C SER A 201 -9.67 2.53 -4.54
N GLN A 202 -10.95 2.79 -4.71
CA GLN A 202 -12.01 1.92 -4.19
C GLN A 202 -12.64 1.14 -5.32
N ARG A 203 -12.13 1.37 -6.54
CA ARG A 203 -12.74 0.84 -7.71
C ARG A 203 -11.93 -0.12 -8.54
N PRO A 204 -11.33 -1.20 -8.02
CA PRO A 204 -10.68 -2.21 -8.83
C PRO A 204 -11.61 -2.85 -9.85
N ASP A 205 -12.93 -2.79 -9.59
CA ASP A 205 -13.95 -3.35 -10.45
C ASP A 205 -14.05 -2.64 -11.81
N LEU A 206 -13.79 -1.33 -11.83
CA LEU A 206 -13.72 -0.58 -13.06
C LEU A 206 -12.51 -1.04 -13.85
N SER A 207 -11.39 -1.21 -13.16
CA SER A 207 -10.20 -1.75 -13.76
C SER A 207 -10.51 -3.12 -14.32
N ALA A 208 -11.25 -4.02 -13.63
CA ALA A 208 -11.55 -5.34 -14.15
C ALA A 208 -12.31 -5.31 -15.48
N ASP A 209 -13.13 -4.26 -15.65
CA ASP A 209 -13.93 -4.10 -16.83
C ASP A 209 -13.17 -3.57 -18.03
N ASN A 210 -12.01 -2.96 -17.81
CA ASN A 210 -11.24 -2.38 -18.90
C ASN A 210 -9.77 -2.29 -18.51
N PRO A 211 -9.11 -3.44 -18.32
CA PRO A 211 -7.74 -3.49 -17.81
C PRO A 211 -6.65 -3.05 -18.77
N ILE A 212 -5.48 -2.84 -18.22
CA ILE A 212 -4.34 -2.45 -19.03
C ILE A 212 -3.83 -3.75 -19.64
N ASP A 213 -3.47 -3.68 -20.91
CA ASP A 213 -3.01 -4.84 -21.60
C ASP A 213 -1.51 -4.99 -21.44
N ALA A 214 -1.15 -5.60 -20.32
CA ALA A 214 0.22 -5.85 -19.98
C ALA A 214 0.25 -6.92 -18.92
N GLU A 215 1.44 -7.49 -18.74
CA GLU A 215 1.73 -8.51 -17.74
C GLU A 215 2.04 -7.86 -16.42
N ASN A 216 1.77 -8.62 -15.36
CA ASN A 216 2.06 -8.22 -13.98
C ASN A 216 1.54 -6.85 -13.58
N ILE A 217 0.25 -6.64 -13.84
CA ILE A 217 -0.41 -5.41 -13.43
C ILE A 217 -1.43 -5.84 -12.38
N MET A 218 -1.45 -5.18 -11.24
CA MET A 218 -2.41 -5.46 -10.19
C MET A 218 -3.11 -4.16 -9.93
N TYR A 219 -4.31 -4.22 -9.38
CA TYR A 219 -5.08 -3.03 -9.16
C TYR A 219 -5.36 -2.82 -7.67
N SER A 220 -5.20 -1.59 -7.25
CA SER A 220 -5.38 -1.21 -5.87
C SER A 220 -6.81 -1.24 -5.32
N VAL A 221 -6.89 -1.57 -4.02
CA VAL A 221 -8.09 -1.26 -3.25
C VAL A 221 -7.53 -0.58 -1.98
N HIS A 222 -8.20 0.48 -1.53
CA HIS A 222 -7.86 1.18 -0.30
C HIS A 222 -9.11 1.21 0.58
N PHE A 223 -8.99 0.88 1.86
CA PHE A 223 -10.13 0.88 2.74
C PHE A 223 -9.74 1.32 4.13
N TYR A 224 -10.69 1.87 4.88
CA TYR A 224 -10.43 2.32 6.23
C TYR A 224 -11.61 1.68 6.91
N THR A 225 -11.34 0.88 7.93
CA THR A 225 -12.34 0.06 8.58
C THR A 225 -13.36 0.85 9.37
N GLY A 226 -13.07 2.11 9.68
CA GLY A 226 -14.09 2.92 10.29
C GLY A 226 -15.14 3.41 9.30
N SER A 227 -14.89 3.26 8.01
CA SER A 227 -15.75 3.80 6.97
C SER A 227 -16.26 2.80 5.95
N HIS A 228 -15.50 1.76 5.62
CA HIS A 228 -15.88 0.92 4.51
C HIS A 228 -16.28 -0.44 5.06
N GLY A 229 -17.60 -0.60 5.09
CA GLY A 229 -18.25 -1.75 5.68
C GLY A 229 -18.06 -3.02 4.90
N ALA A 230 -17.80 -4.06 5.67
CA ALA A 230 -17.60 -5.37 5.09
C ALA A 230 -18.91 -5.92 4.53
N SER A 231 -18.82 -6.78 3.52
CA SER A 231 -20.01 -7.36 2.95
C SER A 231 -19.69 -8.78 2.51
N HIS A 232 -20.71 -9.64 2.47
CA HIS A 232 -20.49 -10.98 2.00
C HIS A 232 -21.27 -11.26 0.71
N ILE A 233 -22.24 -10.42 0.36
CA ILE A 233 -22.99 -10.58 -0.88
C ILE A 233 -22.20 -9.89 -1.99
N GLY A 234 -21.77 -10.63 -3.00
CA GLY A 234 -21.08 -10.10 -4.16
C GLY A 234 -22.12 -9.51 -5.07
N TYR A 235 -21.76 -8.65 -6.02
CA TYR A 235 -22.75 -8.11 -6.92
C TYR A 235 -23.32 -9.22 -7.78
N PRO A 236 -24.64 -9.25 -8.01
CA PRO A 236 -25.28 -10.12 -8.98
C PRO A 236 -24.59 -10.07 -10.34
N GLU A 237 -24.55 -11.22 -11.01
CA GLU A 237 -24.03 -11.36 -12.36
C GLU A 237 -24.72 -10.26 -13.18
N GLY A 238 -23.93 -9.45 -13.85
CA GLY A 238 -24.44 -8.40 -14.69
C GLY A 238 -24.73 -7.06 -14.03
N THR A 239 -24.37 -6.82 -12.75
CA THR A 239 -24.59 -5.52 -12.14
C THR A 239 -23.76 -4.43 -12.83
N PRO A 240 -24.36 -3.34 -13.31
CA PRO A 240 -23.62 -2.22 -13.93
C PRO A 240 -22.76 -1.47 -12.91
N SER A 241 -21.73 -0.78 -13.44
CA SER A 241 -20.78 -0.15 -12.54
C SER A 241 -21.40 0.93 -11.69
N SER A 242 -22.49 1.54 -12.13
CA SER A 242 -23.17 2.60 -11.40
C SER A 242 -23.65 2.22 -9.99
N GLU A 243 -23.88 0.93 -9.74
CA GLU A 243 -24.35 0.50 -8.44
C GLU A 243 -23.25 -0.07 -7.56
N ARG A 244 -22.02 -0.10 -8.05
CA ARG A 244 -20.98 -0.76 -7.32
C ARG A 244 -20.27 0.20 -6.38
N SER A 245 -20.90 0.39 -5.22
CA SER A 245 -20.40 1.31 -4.24
C SER A 245 -19.72 0.68 -3.03
N ASN A 246 -19.92 -0.61 -2.77
CA ASN A 246 -19.35 -1.19 -1.59
C ASN A 246 -17.94 -1.66 -1.91
N VAL A 247 -16.95 -1.14 -1.16
CA VAL A 247 -15.57 -1.45 -1.46
C VAL A 247 -15.21 -2.96 -1.39
N MET A 248 -15.68 -3.71 -0.39
CA MET A 248 -15.39 -5.14 -0.30
C MET A 248 -15.97 -5.90 -1.50
N ALA A 249 -17.20 -5.59 -1.87
CA ALA A 249 -17.84 -6.21 -3.01
C ALA A 249 -17.13 -5.81 -4.29
N ASN A 250 -16.51 -4.62 -4.36
CA ASN A 250 -15.74 -4.17 -5.53
C ASN A 250 -14.48 -4.99 -5.71
N VAL A 251 -13.84 -5.43 -4.61
CA VAL A 251 -12.68 -6.32 -4.63
C VAL A 251 -13.14 -7.67 -5.16
N ARG A 252 -14.23 -8.23 -4.60
CA ARG A 252 -14.75 -9.51 -5.06
C ARG A 252 -15.09 -9.50 -6.54
N TYR A 253 -15.68 -8.41 -7.04
CA TYR A 253 -15.99 -8.25 -8.45
C TYR A 253 -14.69 -8.27 -9.25
N ALA A 254 -13.66 -7.51 -8.88
CA ALA A 254 -12.39 -7.50 -9.62
C ALA A 254 -11.80 -8.90 -9.75
N LEU A 255 -11.68 -9.63 -8.64
CA LEU A 255 -11.14 -10.98 -8.67
C LEU A 255 -12.06 -11.90 -9.46
N ASP A 256 -13.37 -11.78 -9.28
CA ASP A 256 -14.27 -12.62 -10.05
C ASP A 256 -14.23 -12.29 -11.51
N ASN A 257 -13.80 -11.08 -11.90
CA ASN A 257 -13.77 -10.73 -13.31
C ASN A 257 -12.36 -10.65 -13.89
N GLY A 258 -11.46 -11.43 -13.28
CA GLY A 258 -10.18 -11.69 -13.90
C GLY A 258 -9.01 -10.75 -13.71
N VAL A 259 -8.96 -9.84 -12.74
CA VAL A 259 -7.73 -9.08 -12.51
C VAL A 259 -7.24 -9.37 -11.10
N ALA A 260 -5.96 -9.10 -10.79
CA ALA A 260 -5.48 -9.30 -9.43
C ALA A 260 -5.57 -7.98 -8.65
N VAL A 261 -5.65 -8.03 -7.32
CA VAL A 261 -5.88 -6.86 -6.51
C VAL A 261 -4.82 -6.74 -5.43
N PHE A 262 -4.44 -5.52 -5.01
CA PHE A 262 -3.45 -5.36 -3.96
C PHE A 262 -3.95 -4.19 -3.10
N ALA A 263 -4.15 -4.45 -1.80
CA ALA A 263 -4.65 -3.44 -0.88
C ALA A 263 -3.42 -2.64 -0.50
N THR A 264 -3.02 -1.72 -1.37
CA THR A 264 -1.79 -0.98 -1.14
C THR A 264 -1.90 0.01 -0.01
N GLU A 265 -3.09 0.29 0.53
CA GLU A 265 -3.23 1.18 1.69
C GLU A 265 -4.56 0.91 2.40
N TRP A 266 -4.50 0.66 3.72
CA TRP A 266 -5.70 0.55 4.51
C TRP A 266 -5.40 1.09 5.89
N GLY A 267 -6.41 1.51 6.63
CA GLY A 267 -6.21 2.00 7.97
C GLY A 267 -7.31 1.50 8.89
N THR A 268 -7.04 1.58 10.20
CA THR A 268 -7.96 1.14 11.24
C THR A 268 -8.90 2.27 11.71
N SER A 269 -8.79 3.48 11.18
CA SER A 269 -9.63 4.59 11.55
C SER A 269 -10.76 4.76 10.53
N GLN A 270 -11.51 5.86 10.60
CA GLN A 270 -12.42 6.21 9.52
C GLN A 270 -11.55 6.81 8.42
N ALA A 271 -12.12 7.01 7.24
CA ALA A 271 -11.37 7.51 6.11
C ALA A 271 -11.10 8.98 6.34
N ASN A 272 -11.95 9.69 7.12
CA ASN A 272 -11.61 11.03 7.56
C ASN A 272 -10.43 11.12 8.54
N GLY A 273 -9.73 10.00 8.70
CA GLY A 273 -8.39 9.92 9.32
C GLY A 273 -8.24 9.47 10.78
N ASP A 274 -9.44 9.59 11.40
CA ASP A 274 -9.60 9.40 12.80
C ASP A 274 -10.89 8.68 13.19
N GLY A 275 -11.22 8.62 14.50
CA GLY A 275 -12.31 7.81 15.00
C GLY A 275 -11.70 6.44 15.29
N GLY A 276 -12.29 5.68 16.23
CA GLY A 276 -11.85 4.33 16.53
C GLY A 276 -10.55 4.22 17.32
N PRO A 277 -9.59 3.31 17.04
CA PRO A 277 -9.62 2.32 15.95
C PRO A 277 -10.77 1.34 15.82
N TYR A 278 -11.04 0.80 14.64
CA TYR A 278 -12.15 -0.11 14.42
C TYR A 278 -11.53 -1.49 14.17
N PHE A 279 -11.25 -2.20 15.28
CA PHE A 279 -10.61 -3.49 15.25
C PHE A 279 -11.49 -4.66 14.92
N ASP A 280 -12.73 -4.85 15.45
CA ASP A 280 -13.52 -5.98 14.95
C ASP A 280 -13.78 -5.93 13.43
N GLU A 281 -13.92 -4.73 12.86
CA GLU A 281 -14.12 -4.70 11.42
C GLU A 281 -12.77 -4.91 10.71
N ALA A 282 -11.65 -4.41 11.24
CA ALA A 282 -10.35 -4.69 10.67
C ALA A 282 -10.11 -6.21 10.70
N ASP A 283 -10.51 -6.95 11.74
CA ASP A 283 -10.49 -8.42 11.73
C ASP A 283 -11.21 -9.04 10.56
N VAL A 284 -12.45 -8.63 10.36
CA VAL A 284 -13.25 -9.13 9.26
C VAL A 284 -12.55 -8.78 7.95
N TRP A 285 -12.15 -7.52 7.73
CA TRP A 285 -11.40 -7.16 6.55
C TRP A 285 -10.09 -7.94 6.34
N LEU A 286 -9.22 -8.14 7.34
CA LEU A 286 -7.97 -8.82 7.12
C LEU A 286 -8.20 -10.29 6.92
N ASN A 287 -9.22 -10.91 7.56
CA ASN A 287 -9.57 -12.31 7.30
C ASN A 287 -9.97 -12.43 5.84
N PHE A 288 -10.73 -11.44 5.33
CA PHE A 288 -11.08 -11.41 3.91
C PHE A 288 -9.83 -11.29 3.04
N LEU A 289 -8.92 -10.36 3.29
CA LEU A 289 -7.71 -10.25 2.49
C LEU A 289 -6.86 -11.52 2.51
N ASN A 290 -6.65 -12.05 3.72
CA ASN A 290 -5.78 -13.18 3.95
C ASN A 290 -6.33 -14.42 3.30
N LYS A 291 -7.65 -14.61 3.39
CA LYS A 291 -8.33 -15.75 2.77
C LYS A 291 -8.14 -15.69 1.27
N HIS A 292 -8.10 -14.50 0.65
CA HIS A 292 -8.03 -14.40 -0.80
C HIS A 292 -6.66 -14.06 -1.35
N ASN A 293 -5.63 -14.20 -0.51
CA ASN A 293 -4.24 -13.91 -0.85
C ASN A 293 -4.03 -12.54 -1.49
N ILE A 294 -4.59 -11.55 -0.82
CA ILE A 294 -4.42 -10.17 -1.28
C ILE A 294 -3.44 -9.53 -0.31
N SER A 295 -2.30 -9.08 -0.83
CA SER A 295 -1.30 -8.37 -0.09
C SER A 295 -1.80 -7.01 0.43
N TRP A 296 -1.20 -6.53 1.51
CA TRP A 296 -1.68 -5.33 2.15
C TRP A 296 -0.62 -4.49 2.85
N ALA A 297 -0.80 -3.17 2.80
CA ALA A 297 0.11 -2.25 3.49
C ALA A 297 -0.75 -1.35 4.38
N ASN A 298 -0.46 -1.30 5.68
CA ASN A 298 -1.20 -0.46 6.61
C ASN A 298 -0.70 0.98 6.69
N TRP A 299 -1.61 1.95 6.79
CA TRP A 299 -1.27 3.37 6.87
C TRP A 299 -1.37 3.77 8.34
N SER A 300 -0.37 4.29 9.06
CA SER A 300 0.97 4.59 8.57
C SER A 300 2.01 4.63 9.69
N LEU A 301 3.28 4.66 9.26
CA LEU A 301 4.40 4.78 10.16
C LEU A 301 4.59 6.22 10.66
N THR A 302 3.71 6.77 11.47
CA THR A 302 3.91 8.09 12.01
C THR A 302 3.62 8.06 13.51
N ASN A 303 4.17 9.08 14.16
CA ASN A 303 3.92 9.32 15.58
C ASN A 303 3.05 10.60 15.64
N LYS A 304 2.46 11.07 14.53
CA LYS A 304 1.51 12.19 14.52
C LYS A 304 0.33 11.79 15.39
N ASN A 305 -0.39 12.72 15.97
CA ASN A 305 -1.51 12.37 16.84
C ASN A 305 -2.79 12.20 16.05
N GLU A 306 -2.89 11.04 15.43
CA GLU A 306 -4.06 10.67 14.66
C GLU A 306 -4.22 9.18 14.82
N ILE A 307 -5.46 8.73 14.70
CA ILE A 307 -5.79 7.37 15.07
C ILE A 307 -5.03 6.37 14.23
N SER A 308 -4.88 6.55 12.91
CA SER A 308 -4.18 5.58 12.07
C SER A 308 -2.68 5.46 12.30
N GLY A 309 -2.08 6.48 12.96
CA GLY A 309 -0.66 6.49 13.22
C GLY A 309 -0.26 5.29 14.06
N ALA A 310 0.83 4.65 13.67
CA ALA A 310 1.33 3.46 14.33
C ALA A 310 2.08 3.65 15.64
N PHE A 311 2.59 4.87 15.87
CA PHE A 311 3.43 5.12 17.02
C PHE A 311 2.77 6.09 17.99
N THR A 312 3.07 5.95 19.29
CA THR A 312 2.52 6.82 20.33
C THR A 312 2.84 8.28 20.06
N PRO A 313 1.88 9.21 20.08
CA PRO A 313 2.10 10.62 19.86
C PRO A 313 2.44 11.34 21.15
N PHE A 314 2.89 12.59 21.00
CA PHE A 314 3.05 13.47 22.14
C PHE A 314 1.63 13.89 22.52
N GLU A 315 1.35 13.82 23.81
CA GLU A 315 0.09 14.26 24.34
C GLU A 315 0.56 14.83 25.67
N LEU A 316 0.49 16.15 25.80
CA LEU A 316 1.00 16.91 26.94
C LEU A 316 0.88 16.27 28.30
N GLY A 317 -0.34 15.90 28.69
CA GLY A 317 -0.49 15.29 30.02
C GLY A 317 0.09 13.87 30.14
N ARG A 318 0.03 13.10 29.03
CA ARG A 318 0.35 11.68 29.11
C ARG A 318 1.55 11.13 28.36
N THR A 319 1.96 11.54 27.15
CA THR A 319 3.01 10.83 26.44
C THR A 319 3.97 11.71 25.68
N ASP A 320 5.16 11.16 25.48
CA ASP A 320 6.06 11.81 24.56
C ASP A 320 5.97 11.00 23.28
N ALA A 321 6.24 11.63 22.14
CA ALA A 321 6.15 10.91 20.88
C ALA A 321 7.24 9.83 20.73
N THR A 322 6.89 8.63 20.22
CA THR A 322 7.89 7.61 19.96
C THR A 322 8.85 8.06 18.87
N ASP A 323 10.12 7.81 19.14
CA ASP A 323 11.16 8.08 18.17
C ASP A 323 11.03 7.05 17.03
N LEU A 324 11.02 7.57 15.81
CA LEU A 324 10.89 6.76 14.60
C LEU A 324 12.15 5.95 14.26
N ASP A 325 13.23 6.11 15.05
CA ASP A 325 14.39 5.24 15.03
C ASP A 325 14.29 4.48 16.35
N PRO A 326 14.06 3.15 16.45
CA PRO A 326 13.92 2.41 17.70
C PRO A 326 15.22 2.18 18.47
N GLY A 327 16.35 2.59 17.90
CA GLY A 327 17.65 2.41 18.53
C GLY A 327 18.24 1.04 18.24
N ALA A 328 19.39 0.82 18.87
CA ALA A 328 20.19 -0.38 18.67
C ALA A 328 19.50 -1.68 19.00
N ASN A 329 18.51 -1.65 19.91
CA ASN A 329 17.81 -2.90 20.17
C ASN A 329 16.86 -3.28 19.02
N GLN A 330 16.60 -2.35 18.08
CA GLN A 330 15.77 -2.56 16.89
C GLN A 330 14.39 -3.14 17.17
N VAL A 331 13.77 -2.71 18.27
CA VAL A 331 12.41 -3.13 18.62
C VAL A 331 11.78 -1.87 19.19
N TRP A 332 10.53 -1.54 18.92
CA TRP A 332 9.87 -0.50 19.69
C TRP A 332 9.08 -1.26 20.77
N ALA A 333 9.18 -0.81 22.02
CA ALA A 333 8.47 -1.40 23.15
C ALA A 333 6.95 -1.29 22.96
N PRO A 334 6.07 -2.14 23.54
CA PRO A 334 4.63 -2.12 23.31
C PRO A 334 3.96 -0.78 23.55
N GLU A 335 4.42 -0.04 24.58
CA GLU A 335 3.79 1.24 24.90
C GLU A 335 4.23 2.36 23.97
N GLU A 336 5.25 2.12 23.16
CA GLU A 336 5.67 3.08 22.17
C GLU A 336 4.86 2.90 20.88
N LEU A 337 4.08 1.83 20.81
CA LEU A 337 3.16 1.60 19.72
C LEU A 337 1.82 2.16 20.15
N SER A 338 1.11 2.78 19.23
CA SER A 338 -0.22 3.27 19.54
C SER A 338 -1.17 2.06 19.53
N LEU A 339 -2.48 2.25 19.79
CA LEU A 339 -3.44 1.17 19.68
C LEU A 339 -3.42 0.56 18.28
N SER A 340 -3.43 1.38 17.24
CA SER A 340 -3.37 0.90 15.88
C SER A 340 -2.08 0.15 15.59
N GLY A 341 -0.92 0.73 15.93
CA GLY A 341 0.36 0.10 15.64
C GLY A 341 0.52 -1.29 16.26
N GLU A 342 0.11 -1.40 17.53
CA GLU A 342 0.19 -2.63 18.28
C GLU A 342 -0.67 -3.72 17.64
N TYR A 343 -1.88 -3.37 17.20
CA TYR A 343 -2.75 -4.32 16.54
C TYR A 343 -2.20 -4.73 15.17
N VAL A 344 -1.75 -3.77 14.34
CA VAL A 344 -1.28 -4.09 13.01
C VAL A 344 0.00 -4.90 13.12
N ARG A 345 0.91 -4.64 14.07
CA ARG A 345 2.12 -5.45 14.21
C ARG A 345 1.74 -6.89 14.45
N ALA A 346 0.72 -7.14 15.30
CA ALA A 346 0.29 -8.51 15.57
C ALA A 346 -0.30 -9.14 14.32
N ARG A 347 -1.02 -8.36 13.49
CA ARG A 347 -1.61 -8.89 12.28
C ARG A 347 -0.58 -9.12 11.20
N ILE A 348 0.51 -8.36 11.14
CA ILE A 348 1.58 -8.59 10.18
C ILE A 348 2.33 -9.85 10.59
N LYS A 349 2.70 -9.94 11.89
CA LYS A 349 3.33 -11.13 12.42
C LYS A 349 2.52 -12.40 12.35
N GLY A 350 1.18 -12.27 12.37
CA GLY A 350 0.30 -13.41 12.42
C GLY A 350 0.26 -13.98 13.84
N ILE A 351 0.52 -13.19 14.90
CA ILE A 351 0.44 -13.65 16.29
C ILE A 351 -0.92 -13.32 16.89
N GLU A 352 -1.22 -13.81 18.09
CA GLU A 352 -2.49 -13.50 18.75
C GLU A 352 -2.47 -12.02 19.13
N TYR A 353 -3.61 -11.33 19.11
CA TYR A 353 -3.65 -9.94 19.49
C TYR A 353 -3.82 -9.91 21.02
N THR A 354 -2.80 -9.41 21.72
CA THR A 354 -2.83 -9.35 23.17
C THR A 354 -2.45 -7.95 23.64
N PRO A 355 -3.32 -6.94 23.53
CA PRO A 355 -2.97 -5.57 23.82
C PRO A 355 -2.66 -5.30 25.30
N ILE A 356 -1.68 -4.41 25.52
CA ILE A 356 -1.33 -3.98 26.87
C ILE A 356 -2.46 -3.12 27.47
N ASP A 357 -2.42 -3.03 28.79
CA ASP A 357 -3.41 -2.28 29.50
C ASP A 357 -2.84 -0.88 29.49
N ARG A 358 -3.49 0.04 28.81
CA ARG A 358 -2.95 1.39 28.72
C ARG A 358 -3.16 2.22 29.99
N THR A 359 -3.83 1.75 31.06
CA THR A 359 -3.86 2.51 32.29
C THR A 359 -2.48 2.24 32.93
N LYS A 360 -2.28 0.93 33.16
CA LYS A 360 -1.16 0.19 33.72
C LYS A 360 -1.86 -1.16 33.98
C2 BGC B . -2.70 11.36 6.59
C3 BGC B . -2.83 12.77 7.23
C4 BGC B . -2.45 13.84 6.23
C5 BGC B . -3.38 13.64 5.05
C6 BGC B . -3.33 14.75 4.01
C1 BGC B . -3.35 11.24 5.20
O1 BGC B . -4.72 11.30 5.40
O2 BGC B . -3.32 10.43 7.46
O3 BGC B . -1.96 12.87 8.36
O4 BGC B . -2.64 15.15 6.80
O5 BGC B . -3.05 12.39 4.40
O6 BGC B . -2.40 14.47 2.97
C2 BGC B . -2.14 17.48 6.65
C3 BGC B . -1.00 18.45 6.42
C4 BGC B . 0.13 18.17 7.41
C5 BGC B . 0.56 16.71 7.26
C6 BGC B . 1.67 16.28 8.20
C1 BGC B . -1.61 16.05 6.54
O2 BGC B . -3.15 17.69 5.67
O3 BGC B . -1.48 19.78 6.61
O4 BGC B . 1.22 19.03 7.12
O5 BGC B . -0.56 15.83 7.48
O6 BGC B . 1.24 16.27 9.56
CD CD C . 22.81 -0.98 6.35
CD CD D . 18.95 -7.62 8.29
CD CD E . 22.57 -1.93 -17.74
CD CD F . -16.51 -2.13 15.88
CD CD G . -25.56 -10.56 6.35
CD CD H . -14.38 -15.83 -2.05
CD CD I . -5.58 7.55 1.63
CD CD J . -6.82 11.83 2.13
CD CD K . 13.95 9.67 -20.70
CD CD L . 20.38 11.05 3.23
C ACY M . -15.80 0.60 16.86
O ACY M . -16.61 0.04 16.18
OXT ACY M . -15.96 1.77 17.12
CH3 ACY M . -14.68 -0.21 17.33
C ACY N . 20.02 -6.85 10.70
O ACY N . 20.60 -6.62 9.64
OXT ACY N . 18.98 -7.45 10.55
CH3 ACY N . 20.55 -6.39 12.06
C ACY O . 16.86 -9.06 7.57
O ACY O . 17.92 -9.04 6.88
OXT ACY O . 16.75 -8.09 8.34
CH3 ACY O . 15.81 -10.17 7.54
C ACY P . -13.99 -14.12 -4.08
O ACY P . -14.81 -13.88 -3.17
OXT ACY P . -13.43 -15.23 -4.01
CH3 ACY P . -13.65 -13.14 -5.18
#